data_5IBK
#
_entry.id   5IBK
#
_cell.length_a   63.368
_cell.length_b   98.015
_cell.length_c   107.704
_cell.angle_alpha   90.000
_cell.angle_beta   90.000
_cell.angle_gamma   90.000
#
_symmetry.space_group_name_H-M   'P 21 21 21'
#
loop_
_entity.id
_entity.type
_entity.pdbx_description
1 polymer 'S-phase kinase-associated protein 1,S-phase kinase-associated protein 1'
2 polymer 'F-box/WD repeat-containing protein 7'
3 polymer Polyubiquitin-B
4 water water
#
loop_
_entity_poly.entity_id
_entity_poly.type
_entity_poly.pdbx_seq_one_letter_code
_entity_poly.pdbx_strand_id
1 'polypeptide(L)'
;GAMPSIKLQSSDGEIFEVDVEIAKQSVTIKTMLEDLGMDPVPLPNVNAAILKKVIQWCTHHKDDPGGSGTDDIPVWDQEF
LKVDQGTLFELILAANYLDIKGLLDVTCKTVANMIKGKTPEEIRKTFNIKNDFTEEEEAQVRKENQWCEEK
;
A,D
2 'polypeptide(L)' GATQVKHMMQVIEPQFQRDFISLLPKELALYVLSFLEPKDLLQAAQTCRYWRILAEDNLLWRE B,E
3 'polypeptide(L)' GSGSMQIFVKTGARTAITLEVEPSDTIENVKAKIQDKEGIPPDQQILIFSRKLLEDGRTLSDYNIHRESTLRLVLIFR F,C
#
# COMPACT_ATOMS: atom_id res chain seq x y z
N GLY A 1 26.60 22.25 -16.68
CA GLY A 1 26.55 21.75 -15.31
C GLY A 1 25.14 21.47 -14.84
N ALA A 2 24.16 21.73 -15.68
CA ALA A 2 22.75 21.53 -15.33
C ALA A 2 22.19 20.28 -16.03
N MET A 3 21.71 19.33 -15.24
CA MET A 3 21.29 18.03 -15.75
C MET A 3 19.82 17.97 -16.17
N PRO A 4 19.48 16.96 -16.99
CA PRO A 4 18.10 16.77 -17.42
C PRO A 4 17.30 16.17 -16.28
N SER A 5 15.97 16.20 -16.35
CA SER A 5 15.18 15.62 -15.28
C SER A 5 14.29 14.49 -15.78
N ILE A 6 13.91 13.62 -14.86
CA ILE A 6 12.92 12.58 -15.14
C ILE A 6 11.75 12.74 -14.16
N LYS A 7 10.71 11.94 -14.34
CA LYS A 7 9.53 12.04 -13.51
C LYS A 7 9.26 10.78 -12.70
N LEU A 8 8.84 10.95 -11.45
CA LEU A 8 8.45 9.84 -10.60
C LEU A 8 6.99 9.99 -10.21
N GLN A 9 6.22 8.90 -10.27
CA GLN A 9 4.83 9.00 -9.86
C GLN A 9 4.54 8.15 -8.62
N SER A 10 4.18 8.82 -7.54
CA SER A 10 3.83 8.13 -6.30
C SER A 10 2.50 7.39 -6.44
N SER A 11 2.19 6.53 -5.49
CA SER A 11 1.00 5.70 -5.54
C SER A 11 -0.32 6.49 -5.54
N ASP A 12 -0.29 7.71 -5.02
CA ASP A 12 -1.46 8.58 -5.03
C ASP A 12 -1.63 9.29 -6.38
N GLY A 13 -0.58 9.31 -7.19
CA GLY A 13 -0.66 9.95 -8.49
C GLY A 13 0.18 11.20 -8.67
N GLU A 14 0.67 11.77 -7.58
CA GLU A 14 1.52 12.95 -7.67
C GLU A 14 2.77 12.65 -8.48
N ILE A 15 3.15 13.58 -9.34
CA ILE A 15 4.34 13.41 -10.16
C ILE A 15 5.41 14.39 -9.69
N PHE A 16 6.61 13.86 -9.46
CA PHE A 16 7.73 14.66 -9.01
C PHE A 16 8.78 14.75 -10.10
N GLU A 17 9.26 15.96 -10.34
CA GLU A 17 10.34 16.19 -11.29
C GLU A 17 11.68 16.13 -10.56
N VAL A 18 12.56 15.23 -10.98
CA VAL A 18 13.82 15.03 -10.29
C VAL A 18 15.00 14.98 -11.25
N ASP A 19 16.08 15.68 -10.91
CA ASP A 19 17.35 15.56 -11.63
C ASP A 19 17.74 14.09 -11.78
N VAL A 20 18.11 13.69 -12.99
CA VAL A 20 18.35 12.29 -13.29
C VAL A 20 19.49 11.71 -12.45
N GLU A 21 20.54 12.51 -12.21
CA GLU A 21 21.64 12.06 -11.37
C GLU A 21 21.16 11.75 -9.95
N ILE A 22 20.31 12.60 -9.41
CA ILE A 22 19.78 12.43 -8.07
C ILE A 22 18.85 11.22 -8.00
N ALA A 23 17.99 11.08 -8.99
CA ALA A 23 17.02 9.99 -9.04
C ALA A 23 17.69 8.62 -9.18
N LYS A 24 18.82 8.57 -9.89
CA LYS A 24 19.44 7.30 -10.21
C LYS A 24 20.28 6.73 -9.04
N GLN A 25 20.25 7.41 -7.90
CA GLN A 25 20.77 6.82 -6.68
C GLN A 25 19.91 5.62 -6.31
N SER A 26 18.68 5.62 -6.83
CA SER A 26 17.82 4.46 -6.76
C SER A 26 18.11 3.54 -7.94
N VAL A 27 18.62 2.35 -7.65
CA VAL A 27 18.97 1.40 -8.70
C VAL A 27 17.71 0.92 -9.41
N THR A 28 16.64 0.82 -8.63
CA THR A 28 15.32 0.44 -9.15
C THR A 28 14.83 1.43 -10.20
N ILE A 29 14.85 2.70 -9.84
CA ILE A 29 14.42 3.77 -10.73
C ILE A 29 15.36 3.83 -11.93
N LYS A 30 16.64 3.62 -11.68
CA LYS A 30 17.65 3.66 -12.74
C LYS A 30 17.36 2.60 -13.82
N THR A 31 16.98 1.39 -13.39
CA THR A 31 16.73 0.33 -14.35
C THR A 31 15.36 0.49 -15.02
N MET A 32 14.37 1.02 -14.29
CA MET A 32 13.06 1.24 -14.89
C MET A 32 13.13 2.36 -15.93
N LEU A 33 14.02 3.32 -15.71
CA LEU A 33 14.27 4.40 -16.66
C LEU A 33 15.04 3.91 -17.89
N GLU A 34 16.22 3.34 -17.64
CA GLU A 34 17.14 2.99 -18.72
C GLU A 34 16.70 1.78 -19.53
N ASP A 35 16.27 0.72 -18.83
CA ASP A 35 16.00 -0.56 -19.48
C ASP A 35 14.54 -0.77 -19.87
N LEU A 36 13.62 -0.19 -19.10
CA LEU A 36 12.20 -0.36 -19.37
C LEU A 36 11.65 0.88 -20.05
N GLY A 37 12.42 1.95 -20.05
CA GLY A 37 12.01 3.20 -20.64
C GLY A 37 10.72 3.72 -20.06
N MET A 38 10.60 3.69 -18.74
CA MET A 38 9.39 4.19 -18.10
C MET A 38 9.69 5.57 -17.52
N ASP A 39 8.94 6.55 -18.01
CA ASP A 39 9.06 7.93 -17.56
C ASP A 39 7.74 8.63 -17.86
N PRO A 40 6.96 8.96 -16.83
CA PRO A 40 7.27 8.85 -15.40
C PRO A 40 7.40 7.41 -14.90
N VAL A 41 8.21 7.22 -13.86
CA VAL A 41 8.37 5.92 -13.24
C VAL A 41 7.24 5.65 -12.26
N PRO A 42 6.43 4.63 -12.55
CA PRO A 42 5.38 4.26 -11.60
C PRO A 42 5.95 3.70 -10.31
N LEU A 43 5.46 4.22 -9.19
CA LEU A 43 5.85 3.74 -7.87
C LEU A 43 4.60 3.44 -7.04
N PRO A 44 3.88 2.36 -7.41
CA PRO A 44 2.60 2.01 -6.78
C PRO A 44 2.69 1.70 -5.29
N ASN A 45 3.91 1.55 -4.76
CA ASN A 45 4.08 1.20 -3.36
C ASN A 45 4.83 2.27 -2.57
N VAL A 46 4.96 3.46 -3.15
CA VAL A 46 5.51 4.60 -2.43
C VAL A 46 4.55 5.79 -2.50
N ASN A 47 4.08 6.27 -1.35
CA ASN A 47 3.16 7.41 -1.36
C ASN A 47 3.93 8.72 -1.47
N ALA A 48 3.19 9.80 -1.69
CA ALA A 48 3.80 11.10 -1.97
C ALA A 48 4.69 11.62 -0.84
N ALA A 49 4.26 11.45 0.40
CA ALA A 49 5.00 11.98 1.54
C ALA A 49 6.38 11.32 1.64
N ILE A 50 6.37 9.99 1.63
CA ILE A 50 7.59 9.21 1.68
C ILE A 50 8.49 9.53 0.50
N LEU A 51 7.89 9.65 -0.68
CA LEU A 51 8.67 9.96 -1.88
C LEU A 51 9.33 11.33 -1.78
N LYS A 52 8.63 12.30 -1.19
CA LYS A 52 9.22 13.60 -0.92
C LYS A 52 10.43 13.44 -0.03
N LYS A 53 10.29 12.64 1.03
CA LYS A 53 11.39 12.40 1.95
C LYS A 53 12.60 11.79 1.24
N VAL A 54 12.34 10.73 0.47
CA VAL A 54 13.39 10.04 -0.27
C VAL A 54 14.13 10.98 -1.22
N ILE A 55 13.37 11.78 -1.95
CA ILE A 55 13.95 12.74 -2.88
C ILE A 55 14.80 13.78 -2.18
N GLN A 56 14.36 14.29 -1.02
CA GLN A 56 15.18 15.28 -0.33
C GLN A 56 16.44 14.62 0.27
N TRP A 57 16.34 13.37 0.71
CA TRP A 57 17.52 12.66 1.18
C TRP A 57 18.55 12.51 0.05
N CYS A 58 18.11 11.97 -1.09
CA CYS A 58 19.00 11.78 -2.24
C CYS A 58 19.58 13.10 -2.71
N THR A 59 18.75 14.15 -2.68
CA THR A 59 19.19 15.48 -3.10
C THR A 59 20.28 15.95 -2.16
N HIS A 60 20.12 15.68 -0.88
CA HIS A 60 21.13 16.06 0.10
C HIS A 60 22.44 15.27 -0.02
N HIS A 61 22.35 14.03 -0.49
CA HIS A 61 23.53 13.17 -0.58
C HIS A 61 24.03 13.10 -2.02
N LYS A 62 23.65 14.11 -2.80
CA LYS A 62 23.92 14.19 -4.23
C LYS A 62 25.42 14.12 -4.55
N ASP A 63 26.23 14.81 -3.74
CA ASP A 63 27.67 14.84 -3.93
C ASP A 63 28.38 14.15 -2.77
N ASP A 64 28.23 12.84 -2.69
CA ASP A 64 28.86 12.06 -1.63
C ASP A 64 29.98 11.17 -2.14
N PRO A 65 31.20 11.39 -1.63
CA PRO A 65 32.36 10.56 -1.97
C PRO A 65 32.15 9.12 -1.52
N GLY A 66 32.67 8.17 -2.29
CA GLY A 66 32.51 6.76 -1.97
C GLY A 66 31.13 6.24 -2.32
N THR A 70 32.37 7.29 9.18
CA THR A 70 32.53 5.99 8.51
C THR A 70 31.32 5.11 8.80
N ASP A 71 30.76 5.24 10.00
CA ASP A 71 29.63 4.45 10.44
C ASP A 71 28.73 5.28 11.33
N ASP A 72 29.28 6.35 11.89
CA ASP A 72 28.47 7.27 12.68
C ASP A 72 27.51 7.99 11.75
N ILE A 73 26.31 8.25 12.25
CA ILE A 73 25.28 8.88 11.44
C ILE A 73 25.43 10.39 11.44
N PRO A 74 25.61 10.99 10.26
CA PRO A 74 25.70 12.46 10.16
C PRO A 74 24.50 13.14 10.79
N VAL A 75 24.72 14.27 11.44
CA VAL A 75 23.66 14.97 12.17
C VAL A 75 22.47 15.34 11.29
N TRP A 76 22.72 15.74 10.05
CA TRP A 76 21.64 16.08 9.12
C TRP A 76 20.71 14.88 8.95
N ASP A 77 21.28 13.71 8.68
CA ASP A 77 20.50 12.48 8.55
C ASP A 77 19.74 12.16 9.83
N GLN A 78 20.39 12.40 10.97
CA GLN A 78 19.77 12.18 12.26
C GLN A 78 18.51 13.03 12.43
N GLU A 79 18.62 14.30 12.08
CA GLU A 79 17.51 15.23 12.22
C GLU A 79 16.42 14.91 11.21
N PHE A 80 16.86 14.52 10.02
CA PHE A 80 15.98 14.11 8.93
C PHE A 80 15.13 12.92 9.37
N LEU A 81 15.69 12.10 10.25
CA LEU A 81 15.03 10.90 10.74
C LEU A 81 14.36 11.08 12.09
N LYS A 82 14.28 12.32 12.57
CA LYS A 82 13.53 12.61 13.79
C LYS A 82 12.04 12.62 13.47
N VAL A 83 11.51 11.47 13.08
CA VAL A 83 10.11 11.35 12.68
C VAL A 83 9.43 10.23 13.46
N ASP A 84 8.12 10.15 13.34
CA ASP A 84 7.37 9.06 13.97
C ASP A 84 7.78 7.73 13.38
N GLN A 85 7.47 6.66 14.11
CA GLN A 85 7.86 5.31 13.74
C GLN A 85 7.23 4.87 12.42
N GLY A 86 6.03 5.35 12.11
CA GLY A 86 5.37 5.00 10.87
C GLY A 86 6.14 5.44 9.64
N THR A 87 6.53 6.72 9.65
CA THR A 87 7.36 7.29 8.59
C THR A 87 8.68 6.53 8.45
N LEU A 88 9.29 6.18 9.58
CA LEU A 88 10.56 5.47 9.57
C LEU A 88 10.39 4.08 8.93
N PHE A 89 9.33 3.40 9.32
CA PHE A 89 8.93 2.12 8.78
C PHE A 89 8.78 2.17 7.25
N GLU A 90 7.98 3.12 6.78
CA GLU A 90 7.73 3.24 5.35
C GLU A 90 8.98 3.69 4.61
N LEU A 91 9.86 4.41 5.29
CA LEU A 91 11.12 4.82 4.71
C LEU A 91 12.03 3.61 4.53
N ILE A 92 12.01 2.69 5.48
CA ILE A 92 12.74 1.44 5.33
C ILE A 92 12.22 0.67 4.12
N LEU A 93 10.90 0.47 4.07
CA LEU A 93 10.29 -0.23 2.94
C LEU A 93 10.64 0.40 1.59
N ALA A 94 10.51 1.72 1.50
CA ALA A 94 10.77 2.44 0.26
C ALA A 94 12.24 2.38 -0.12
N ALA A 95 13.12 2.59 0.84
CA ALA A 95 14.56 2.58 0.61
C ALA A 95 15.00 1.21 0.13
N ASN A 96 14.37 0.17 0.65
CA ASN A 96 14.65 -1.19 0.20
C ASN A 96 14.15 -1.44 -1.21
N TYR A 97 12.87 -1.15 -1.47
CA TYR A 97 12.31 -1.38 -2.79
C TYR A 97 13.01 -0.55 -3.87
N LEU A 98 13.33 0.69 -3.54
CA LEU A 98 13.96 1.61 -4.48
C LEU A 98 15.44 1.29 -4.64
N ASP A 99 15.95 0.42 -3.77
CA ASP A 99 17.35 0.05 -3.75
C ASP A 99 18.22 1.28 -3.63
N ILE A 100 18.12 1.95 -2.49
CA ILE A 100 18.97 3.07 -2.15
C ILE A 100 19.73 2.72 -0.88
N LYS A 101 20.90 2.10 -1.07
CA LYS A 101 21.63 1.43 0.00
C LYS A 101 21.87 2.33 1.22
N GLY A 102 22.34 3.54 0.98
CA GLY A 102 22.65 4.48 2.06
C GLY A 102 21.47 4.82 2.96
N LEU A 103 20.34 5.12 2.34
CA LEU A 103 19.15 5.50 3.09
C LEU A 103 18.63 4.33 3.93
N LEU A 104 18.67 3.14 3.33
CA LEU A 104 18.25 1.92 4.02
C LEU A 104 19.14 1.67 5.23
N ASP A 105 20.45 1.81 5.02
CA ASP A 105 21.42 1.61 6.08
C ASP A 105 21.18 2.56 7.23
N VAL A 106 21.09 3.85 6.92
CA VAL A 106 20.98 4.86 7.97
C VAL A 106 19.64 4.74 8.73
N THR A 107 18.58 4.37 8.02
CA THR A 107 17.27 4.25 8.67
C THR A 107 17.21 3.01 9.58
N CYS A 108 17.70 1.89 9.06
CA CYS A 108 17.75 0.65 9.83
C CYS A 108 18.64 0.81 11.06
N LYS A 109 19.74 1.53 10.90
CA LYS A 109 20.66 1.78 12.00
C LYS A 109 20.00 2.71 13.02
N THR A 110 19.14 3.60 12.54
CA THR A 110 18.38 4.46 13.44
C THR A 110 17.45 3.64 14.32
N VAL A 111 16.72 2.71 13.71
CA VAL A 111 15.85 1.82 14.48
C VAL A 111 16.66 0.99 15.49
N ALA A 112 17.78 0.47 15.02
CA ALA A 112 18.71 -0.28 15.87
C ALA A 112 19.12 0.55 17.07
N ASN A 113 19.38 1.84 16.84
CA ASN A 113 19.75 2.76 17.91
C ASN A 113 18.59 2.99 18.85
N MET A 114 17.37 2.82 18.36
CA MET A 114 16.23 2.90 19.27
C MET A 114 16.16 1.66 20.15
N ILE A 115 16.77 0.56 19.70
CA ILE A 115 16.79 -0.63 20.55
C ILE A 115 17.92 -0.63 21.61
N LYS A 116 19.09 -0.14 21.23
CA LYS A 116 20.29 -0.22 22.08
C LYS A 116 20.14 0.33 23.49
N GLY A 117 20.88 -0.24 24.42
CA GLY A 117 20.98 0.26 25.78
C GLY A 117 19.67 0.25 26.56
N LYS A 118 18.80 -0.71 26.25
CA LYS A 118 17.51 -0.79 26.93
C LYS A 118 17.23 -2.17 27.53
N THR A 119 16.37 -2.16 28.54
CA THR A 119 15.85 -3.38 29.14
C THR A 119 14.70 -3.87 28.25
N PRO A 120 14.42 -5.20 28.27
CA PRO A 120 13.36 -5.78 27.44
C PRO A 120 12.04 -5.02 27.51
N GLU A 121 11.62 -4.65 28.72
CA GLU A 121 10.36 -3.94 28.91
C GLU A 121 10.40 -2.53 28.31
N GLU A 122 11.57 -1.90 28.38
CA GLU A 122 11.74 -0.58 27.76
C GLU A 122 11.65 -0.65 26.24
N ILE A 123 12.20 -1.72 25.68
CA ILE A 123 12.10 -1.97 24.25
C ILE A 123 10.63 -2.21 23.89
N ARG A 124 9.93 -2.93 24.76
CA ARG A 124 8.52 -3.18 24.59
C ARG A 124 7.71 -1.88 24.60
N LYS A 125 8.06 -0.96 25.48
CA LYS A 125 7.38 0.33 25.54
C LYS A 125 7.68 1.14 24.28
N THR A 126 8.91 1.05 23.81
CA THR A 126 9.33 1.80 22.63
C THR A 126 8.60 1.34 21.37
N PHE A 127 8.52 0.04 21.16
CA PHE A 127 7.95 -0.47 19.91
C PHE A 127 6.57 -1.06 20.11
N ASN A 128 5.98 -0.79 21.27
CA ASN A 128 4.71 -1.37 21.69
C ASN A 128 4.64 -2.86 21.41
N ILE A 129 5.57 -3.61 21.98
CA ILE A 129 5.64 -5.04 21.76
C ILE A 129 4.75 -5.79 22.74
N LYS A 130 3.91 -6.69 22.24
CA LYS A 130 3.11 -7.51 23.14
C LYS A 130 3.96 -8.66 23.68
N ASN A 131 3.91 -8.86 24.99
CA ASN A 131 4.66 -9.95 25.62
C ASN A 131 3.87 -11.24 25.53
N ASP A 132 4.42 -12.22 24.82
CA ASP A 132 3.84 -13.55 24.73
C ASP A 132 4.79 -14.55 25.36
N PHE A 133 5.66 -14.02 26.21
CA PHE A 133 6.52 -14.89 27.00
C PHE A 133 5.86 -15.14 28.34
N THR A 134 6.01 -16.38 28.81
CA THR A 134 5.65 -16.75 30.18
C THR A 134 6.89 -16.64 31.07
N GLU A 135 6.68 -16.69 32.38
CA GLU A 135 7.77 -16.52 33.33
C GLU A 135 8.91 -17.52 33.06
N GLU A 136 8.57 -18.76 32.72
CA GLU A 136 9.58 -19.77 32.43
C GLU A 136 10.39 -19.50 31.17
N GLU A 137 9.72 -19.02 30.13
CA GLU A 137 10.41 -18.63 28.91
C GLU A 137 11.29 -17.41 29.12
N GLU A 138 10.85 -16.53 30.00
CA GLU A 138 11.63 -15.34 30.32
C GLU A 138 12.90 -15.78 31.05
N ALA A 139 12.73 -16.61 32.07
CA ALA A 139 13.85 -17.18 32.81
C ALA A 139 14.80 -17.92 31.86
N GLN A 140 14.21 -18.61 30.89
CA GLN A 140 14.96 -19.36 29.90
C GLN A 140 15.75 -18.49 28.90
N VAL A 141 15.11 -17.43 28.44
CA VAL A 141 15.73 -16.54 27.46
C VAL A 141 16.84 -15.76 28.14
N ARG A 142 16.74 -15.58 29.46
CA ARG A 142 17.84 -14.98 30.22
C ARG A 142 19.19 -15.57 29.81
N LYS A 143 19.25 -16.90 29.71
CA LYS A 143 20.45 -17.59 29.24
C LYS A 143 20.66 -17.38 27.74
N GLU A 144 21.89 -17.13 27.32
CA GLU A 144 22.19 -16.98 25.89
C GLU A 144 21.79 -18.23 25.10
N GLN B 17 -2.16 -9.13 16.45
CA GLN B 17 -1.47 -7.88 16.72
C GLN B 17 -0.01 -8.03 16.26
N ARG B 18 0.58 -6.97 15.72
CA ARG B 18 1.98 -6.98 15.28
C ARG B 18 2.77 -5.79 15.82
N ASP B 19 4.07 -5.74 15.53
CA ASP B 19 4.89 -4.59 15.91
C ASP B 19 5.82 -4.21 14.74
N PHE B 20 6.48 -3.06 14.88
CA PHE B 20 7.41 -2.51 13.88
C PHE B 20 8.26 -3.58 13.20
N ILE B 21 9.00 -4.35 13.99
CA ILE B 21 9.92 -5.36 13.45
C ILE B 21 9.19 -6.53 12.80
N SER B 22 8.15 -7.04 13.45
CA SER B 22 7.43 -8.20 12.92
C SER B 22 6.61 -7.86 11.67
N LEU B 23 6.48 -6.57 11.38
CA LEU B 23 5.76 -6.13 10.19
C LEU B 23 6.68 -5.99 8.98
N LEU B 24 7.98 -5.85 9.25
CA LEU B 24 8.96 -5.79 8.18
C LEU B 24 9.12 -7.13 7.48
N PRO B 25 9.59 -7.11 6.22
CA PRO B 25 10.10 -8.35 5.62
C PRO B 25 11.25 -8.88 6.48
N LYS B 26 11.36 -10.20 6.62
CA LYS B 26 12.37 -10.80 7.50
C LYS B 26 13.77 -10.22 7.32
N GLU B 27 14.23 -10.17 6.08
CA GLU B 27 15.57 -9.69 5.77
C GLU B 27 15.85 -8.29 6.31
N LEU B 28 14.84 -7.42 6.27
CA LEU B 28 15.02 -6.05 6.72
C LEU B 28 15.04 -5.95 8.25
N ALA B 29 14.20 -6.74 8.90
CA ALA B 29 14.20 -6.79 10.36
C ALA B 29 15.52 -7.33 10.88
N LEU B 30 15.96 -8.43 10.29
CA LEU B 30 17.24 -9.03 10.59
C LEU B 30 18.36 -8.02 10.37
N TYR B 31 18.26 -7.28 9.27
CA TYR B 31 19.24 -6.26 8.96
C TYR B 31 19.29 -5.20 10.05
N VAL B 32 18.11 -4.78 10.52
CA VAL B 32 18.03 -3.82 11.61
C VAL B 32 18.73 -4.36 12.85
N LEU B 33 18.41 -5.58 13.23
CA LEU B 33 18.99 -6.17 14.43
C LEU B 33 20.49 -6.40 14.31
N SER B 34 20.98 -6.52 13.08
CA SER B 34 22.40 -6.79 12.85
C SER B 34 23.31 -5.63 13.28
N PHE B 35 22.73 -4.46 13.50
CA PHE B 35 23.50 -3.29 13.96
C PHE B 35 23.68 -3.27 15.47
N LEU B 36 23.06 -4.24 16.14
CA LEU B 36 23.11 -4.32 17.60
C LEU B 36 24.22 -5.26 18.02
N GLU B 37 24.93 -4.90 19.08
CA GLU B 37 25.94 -5.76 19.70
C GLU B 37 25.28 -6.91 20.47
N PRO B 38 26.03 -8.00 20.72
CA PRO B 38 25.52 -9.19 21.43
C PRO B 38 24.65 -8.86 22.65
N LYS B 39 25.07 -7.90 23.48
CA LYS B 39 24.31 -7.55 24.67
C LYS B 39 22.92 -7.00 24.31
N ASP B 40 22.89 -6.04 23.39
CA ASP B 40 21.64 -5.44 22.92
C ASP B 40 20.76 -6.50 22.27
N LEU B 41 21.40 -7.39 21.52
CA LEU B 41 20.70 -8.51 20.89
C LEU B 41 20.00 -9.37 21.93
N LEU B 42 20.73 -9.70 22.98
CA LEU B 42 20.20 -10.53 24.05
C LEU B 42 19.02 -9.83 24.74
N GLN B 43 19.14 -8.52 24.93
CA GLN B 43 18.04 -7.75 25.51
C GLN B 43 16.83 -7.77 24.58
N ALA B 44 17.09 -7.75 23.28
CA ALA B 44 16.03 -7.72 22.28
C ALA B 44 15.31 -9.07 22.20
N ALA B 45 16.04 -10.13 22.49
CA ALA B 45 15.49 -11.49 22.39
C ALA B 45 14.49 -11.82 23.48
N GLN B 46 14.39 -10.95 24.49
CA GLN B 46 13.49 -11.21 25.61
C GLN B 46 12.15 -10.48 25.48
N THR B 47 12.02 -9.63 24.48
CA THR B 47 10.82 -8.82 24.32
C THR B 47 9.62 -9.67 23.91
N CYS B 48 9.84 -10.58 22.97
CA CYS B 48 8.80 -11.53 22.56
C CYS B 48 9.41 -12.68 21.76
N ARG B 49 8.56 -13.64 21.42
CA ARG B 49 8.99 -14.87 20.75
C ARG B 49 9.62 -14.61 19.38
N TYR B 50 8.95 -13.79 18.59
CA TYR B 50 9.36 -13.49 17.22
C TYR B 50 10.71 -12.79 17.23
N TRP B 51 10.80 -11.78 18.08
CA TRP B 51 12.04 -11.05 18.31
C TRP B 51 13.14 -11.98 18.79
N ARG B 52 12.77 -12.96 19.61
CA ARG B 52 13.73 -13.95 20.10
C ARG B 52 14.31 -14.75 18.94
N ILE B 53 13.43 -15.19 18.05
CA ILE B 53 13.84 -15.96 16.88
C ILE B 53 14.81 -15.16 16.00
N LEU B 54 14.46 -13.90 15.74
CA LEU B 54 15.28 -13.08 14.86
C LEU B 54 16.64 -12.75 15.51
N ALA B 55 16.60 -12.39 16.78
CA ALA B 55 17.80 -12.06 17.54
C ALA B 55 18.76 -13.24 17.62
N GLU B 56 18.23 -14.42 17.94
CA GLU B 56 19.06 -15.61 18.01
C GLU B 56 19.61 -15.96 16.64
N ASP B 57 18.85 -15.69 15.59
CA ASP B 57 19.36 -15.91 14.24
C ASP B 57 20.57 -15.02 14.01
N ASN B 58 20.50 -13.77 14.49
CA ASN B 58 21.63 -12.85 14.38
C ASN B 58 22.82 -13.21 15.28
N LEU B 59 22.57 -13.94 16.36
CA LEU B 59 23.66 -14.44 17.21
C LEU B 59 24.58 -15.42 16.51
N LEU B 60 24.06 -16.21 15.57
CA LEU B 60 24.98 -16.90 14.67
C LEU B 60 25.76 -15.80 13.94
N TRP B 61 26.90 -16.14 13.35
CA TRP B 61 27.78 -15.14 12.74
C TRP B 61 28.22 -14.06 13.74
N ARG B 62 28.30 -14.44 15.02
CA ARG B 62 28.84 -13.60 16.09
C ARG B 62 29.35 -14.44 17.25
N SER C 4 -24.95 -22.23 -9.85
CA SER C 4 -24.25 -21.09 -10.42
C SER C 4 -24.93 -19.78 -10.03
N MET C 5 -24.75 -19.40 -8.77
CA MET C 5 -25.40 -18.21 -8.22
C MET C 5 -24.41 -17.06 -8.06
N GLN C 6 -24.95 -15.85 -8.07
CA GLN C 6 -24.14 -14.63 -7.99
C GLN C 6 -24.25 -14.03 -6.60
N ILE C 7 -23.11 -13.75 -5.99
CA ILE C 7 -23.09 -13.14 -4.67
C ILE C 7 -22.23 -11.88 -4.67
N PHE C 8 -22.29 -11.14 -3.57
CA PHE C 8 -21.59 -9.88 -3.46
C PHE C 8 -20.73 -9.85 -2.19
N VAL C 9 -19.55 -9.27 -2.29
CA VAL C 9 -18.77 -9.03 -1.08
C VAL C 9 -18.47 -7.53 -0.96
N LYS C 10 -19.03 -6.94 0.09
CA LYS C 10 -18.85 -5.52 0.38
C LYS C 10 -17.42 -5.28 0.89
N THR C 11 -16.71 -4.38 0.21
CA THR C 11 -15.31 -4.13 0.52
C THR C 11 -15.11 -2.71 1.05
N GLY C 12 -16.20 -1.96 1.11
CA GLY C 12 -16.16 -0.57 1.54
C GLY C 12 -17.54 0.04 1.51
N ALA C 13 -17.61 1.35 1.72
CA ALA C 13 -18.88 2.06 1.76
C ALA C 13 -19.55 2.06 0.39
N ARG C 14 -18.75 2.13 -0.67
CA ARG C 14 -19.27 2.26 -2.01
C ARG C 14 -18.64 1.27 -2.98
N THR C 15 -17.85 0.34 -2.44
CA THR C 15 -17.17 -0.62 -3.28
C THR C 15 -17.64 -2.02 -2.96
N ALA C 16 -17.72 -2.86 -4.00
CA ALA C 16 -18.17 -4.23 -3.84
C ALA C 16 -17.58 -5.10 -4.93
N ILE C 17 -17.49 -6.39 -4.65
CA ILE C 17 -17.03 -7.35 -5.64
C ILE C 17 -18.20 -8.25 -5.98
N THR C 18 -18.43 -8.44 -7.28
CA THR C 18 -19.48 -9.32 -7.73
C THR C 18 -18.84 -10.65 -8.10
N LEU C 19 -19.30 -11.74 -7.52
CA LEU C 19 -18.71 -13.04 -7.82
C LEU C 19 -19.74 -14.03 -8.32
N GLU C 20 -19.29 -14.85 -9.26
CA GLU C 20 -20.07 -15.97 -9.74
C GLU C 20 -19.55 -17.20 -9.01
N VAL C 21 -20.41 -17.86 -8.25
CA VAL C 21 -19.96 -18.95 -7.38
C VAL C 21 -20.87 -20.17 -7.41
N GLU C 22 -20.45 -21.21 -6.70
CA GLU C 22 -21.25 -22.41 -6.54
C GLU C 22 -21.49 -22.63 -5.05
N PRO C 23 -22.70 -23.04 -4.67
CA PRO C 23 -23.04 -23.23 -3.25
C PRO C 23 -22.17 -24.26 -2.54
N SER C 24 -21.51 -25.12 -3.31
CA SER C 24 -20.63 -26.14 -2.75
C SER C 24 -19.23 -25.60 -2.49
N ASP C 25 -18.98 -24.37 -2.91
CA ASP C 25 -17.68 -23.73 -2.70
C ASP C 25 -17.44 -23.48 -1.21
N THR C 26 -16.22 -23.75 -0.76
CA THR C 26 -15.84 -23.44 0.61
C THR C 26 -15.47 -21.97 0.70
N ILE C 27 -15.35 -21.47 1.92
CA ILE C 27 -14.96 -20.07 2.14
C ILE C 27 -13.59 -19.80 1.54
N GLU C 28 -12.73 -20.81 1.55
CA GLU C 28 -11.38 -20.69 0.99
C GLU C 28 -11.43 -20.48 -0.52
N ASN C 29 -12.41 -21.10 -1.17
CA ASN C 29 -12.60 -20.94 -2.61
C ASN C 29 -13.04 -19.52 -2.95
N VAL C 30 -13.97 -19.01 -2.15
CA VAL C 30 -14.45 -17.65 -2.28
C VAL C 30 -13.29 -16.67 -2.14
N LYS C 31 -12.52 -16.86 -1.07
CA LYS C 31 -11.32 -16.05 -0.81
C LYS C 31 -10.37 -16.10 -2.01
N ALA C 32 -10.24 -17.28 -2.61
CA ALA C 32 -9.39 -17.46 -3.77
C ALA C 32 -9.87 -16.63 -4.97
N LYS C 33 -11.17 -16.67 -5.24
CA LYS C 33 -11.75 -15.87 -6.32
C LYS C 33 -11.52 -14.39 -6.08
N ILE C 34 -11.76 -13.97 -4.84
CA ILE C 34 -11.52 -12.61 -4.40
C ILE C 34 -10.08 -12.20 -4.69
N GLN C 35 -9.15 -13.12 -4.43
CA GLN C 35 -7.74 -12.87 -4.77
C GLN C 35 -7.58 -12.68 -6.26
N ASP C 36 -8.26 -13.53 -7.03
CA ASP C 36 -8.12 -13.48 -8.49
C ASP C 36 -8.64 -12.18 -9.08
N LYS C 37 -9.59 -11.55 -8.41
CA LYS C 37 -10.20 -10.32 -8.92
C LYS C 37 -9.64 -9.05 -8.28
N GLU C 38 -8.93 -9.18 -7.16
CA GLU C 38 -8.42 -7.99 -6.46
C GLU C 38 -6.95 -8.10 -6.07
N GLY C 39 -6.42 -9.31 -6.07
CA GLY C 39 -5.00 -9.50 -5.75
C GLY C 39 -4.75 -9.51 -4.27
N ILE C 40 -5.82 -9.71 -3.50
CA ILE C 40 -5.71 -9.85 -2.05
C ILE C 40 -5.58 -11.31 -1.66
N PRO C 41 -4.43 -11.69 -1.09
CA PRO C 41 -4.18 -13.07 -0.66
C PRO C 41 -5.15 -13.50 0.46
N PRO C 42 -5.68 -14.72 0.38
CA PRO C 42 -6.72 -15.27 1.26
C PRO C 42 -6.40 -15.19 2.75
N ASP C 43 -5.14 -15.31 3.13
CA ASP C 43 -4.75 -15.32 4.54
C ASP C 43 -4.84 -13.94 5.18
N GLN C 44 -5.19 -12.93 4.38
CA GLN C 44 -5.38 -11.58 4.88
C GLN C 44 -6.87 -11.24 4.87
N GLN C 45 -7.68 -12.16 4.37
CA GLN C 45 -9.11 -11.93 4.22
C GLN C 45 -9.93 -12.50 5.37
N ILE C 46 -10.84 -11.68 5.88
CA ILE C 46 -11.88 -12.18 6.76
C ILE C 46 -13.24 -11.87 6.15
N LEU C 47 -14.03 -12.91 5.91
CA LEU C 47 -15.38 -12.73 5.40
C LEU C 47 -16.38 -12.83 6.52
N ILE C 48 -17.40 -11.97 6.48
CA ILE C 48 -18.44 -11.98 7.49
C ILE C 48 -19.80 -12.02 6.83
N PHE C 49 -20.67 -12.89 7.32
CA PHE C 49 -22.05 -12.92 6.84
C PHE C 49 -22.98 -13.06 8.03
N SER C 50 -23.95 -12.16 8.10
CA SER C 50 -24.88 -12.09 9.22
C SER C 50 -24.12 -11.98 10.55
N ARG C 51 -23.16 -11.06 10.59
CA ARG C 51 -22.44 -10.73 11.81
C ARG C 51 -21.68 -11.92 12.41
N LYS C 52 -21.28 -12.87 11.58
CA LYS C 52 -20.51 -14.02 12.05
C LYS C 52 -19.35 -14.34 11.10
N LEU C 53 -18.20 -14.67 11.67
CA LEU C 53 -17.04 -15.04 10.88
C LEU C 53 -17.31 -16.31 10.07
N LEU C 54 -16.89 -16.30 8.81
CA LEU C 54 -17.04 -17.48 7.97
C LEU C 54 -15.75 -18.27 8.03
N GLU C 55 -15.85 -19.52 8.47
CA GLU C 55 -14.67 -20.35 8.71
C GLU C 55 -14.22 -21.11 7.47
N ASP C 56 -12.91 -21.12 7.24
CA ASP C 56 -12.29 -21.63 6.03
C ASP C 56 -12.76 -23.03 5.60
N GLY C 57 -13.03 -23.88 6.57
CA GLY C 57 -13.42 -25.26 6.27
C GLY C 57 -14.85 -25.43 5.78
N ARG C 58 -15.73 -24.54 6.20
CA ARG C 58 -17.14 -24.65 5.87
C ARG C 58 -17.47 -24.27 4.43
N THR C 59 -18.75 -24.31 4.10
CA THR C 59 -19.23 -24.02 2.75
C THR C 59 -20.29 -22.92 2.81
N LEU C 60 -20.64 -22.37 1.65
CA LEU C 60 -21.67 -21.34 1.56
C LEU C 60 -23.03 -21.86 2.02
N SER C 61 -23.31 -23.12 1.65
CA SER C 61 -24.56 -23.77 2.01
C SER C 61 -24.73 -23.85 3.52
N ASP C 62 -23.62 -24.11 4.22
CA ASP C 62 -23.64 -24.22 5.68
C ASP C 62 -24.04 -22.89 6.32
N TYR C 63 -23.76 -21.78 5.65
CA TYR C 63 -24.11 -20.47 6.16
C TYR C 63 -25.36 -19.92 5.50
N ASN C 64 -25.95 -20.74 4.63
CA ASN C 64 -27.11 -20.33 3.84
C ASN C 64 -26.91 -18.99 3.14
N ILE C 65 -25.86 -18.92 2.34
CA ILE C 65 -25.60 -17.75 1.51
C ILE C 65 -26.16 -18.09 0.14
N HIS C 66 -27.08 -17.26 -0.34
CA HIS C 66 -27.81 -17.57 -1.56
C HIS C 66 -27.67 -16.46 -2.60
N ARG C 67 -28.56 -16.48 -3.59
CA ARG C 67 -28.58 -15.46 -4.64
C ARG C 67 -28.56 -14.05 -4.06
N GLU C 68 -27.63 -13.25 -4.57
CA GLU C 68 -27.54 -11.84 -4.22
C GLU C 68 -27.35 -11.63 -2.71
N SER C 69 -26.75 -12.61 -2.03
CA SER C 69 -26.40 -12.43 -0.63
C SER C 69 -25.15 -11.58 -0.56
N THR C 70 -25.03 -10.79 0.51
CA THR C 70 -23.89 -9.90 0.64
C THR C 70 -23.00 -10.23 1.83
N LEU C 71 -21.77 -10.61 1.53
CA LEU C 71 -20.75 -10.81 2.54
C LEU C 71 -20.00 -9.50 2.75
N ARG C 72 -19.26 -9.41 3.86
CA ARG C 72 -18.43 -8.25 4.14
C ARG C 72 -16.98 -8.68 4.28
N LEU C 73 -16.11 -8.06 3.49
CA LEU C 73 -14.69 -8.35 3.55
C LEU C 73 -13.96 -7.35 4.44
N VAL C 74 -13.14 -7.86 5.36
CA VAL C 74 -12.31 -7.00 6.18
C VAL C 74 -10.90 -7.58 6.17
N LEU C 75 -9.91 -6.70 6.30
CA LEU C 75 -8.52 -7.11 6.08
C LEU C 75 -7.74 -7.19 7.37
N ILE C 76 -6.82 -8.16 7.42
CA ILE C 76 -5.92 -8.34 8.56
C ILE C 76 -4.47 -8.45 8.09
N PHE C 77 -3.54 -8.46 9.04
CA PHE C 77 -2.12 -8.56 8.71
C PHE C 77 -1.76 -9.97 8.25
N ARG C 78 -0.82 -10.06 7.32
CA ARG C 78 -0.38 -11.36 6.82
C ARG C 78 0.33 -12.18 7.89
N GLY D 3 11.16 -28.40 -11.05
CA GLY D 3 11.67 -29.74 -11.27
C GLY D 3 12.78 -29.83 -12.30
N SER D 4 13.98 -29.39 -11.95
CA SER D 4 14.27 -28.89 -10.61
C SER D 4 15.37 -27.84 -10.64
N MET D 5 15.04 -26.65 -11.13
CA MET D 5 16.02 -25.58 -11.21
C MET D 5 15.68 -24.52 -10.17
N GLN D 6 16.70 -23.90 -9.59
CA GLN D 6 16.48 -22.89 -8.56
C GLN D 6 16.90 -21.51 -9.04
N ILE D 7 16.00 -20.53 -8.91
CA ILE D 7 16.32 -19.15 -9.28
C ILE D 7 16.00 -18.14 -8.18
N PHE D 8 16.45 -16.90 -8.41
CA PHE D 8 16.32 -15.81 -7.44
C PHE D 8 15.61 -14.64 -8.12
N VAL D 9 14.74 -13.98 -7.37
CA VAL D 9 14.13 -12.75 -7.83
C VAL D 9 14.41 -11.62 -6.84
N LYS D 10 15.23 -10.67 -7.25
CA LYS D 10 15.57 -9.55 -6.38
C LYS D 10 14.39 -8.59 -6.29
N THR D 11 13.91 -8.32 -5.08
CA THR D 11 12.72 -7.49 -4.90
C THR D 11 13.04 -6.17 -4.23
N GLY D 12 14.31 -5.98 -3.90
CA GLY D 12 14.75 -4.79 -3.20
C GLY D 12 16.25 -4.87 -2.98
N ALA D 13 16.78 -3.95 -2.19
CA ALA D 13 18.22 -3.92 -1.94
C ALA D 13 18.66 -5.15 -1.15
N ARG D 14 17.79 -5.63 -0.26
CA ARG D 14 18.14 -6.74 0.61
C ARG D 14 17.07 -7.83 0.66
N THR D 15 16.08 -7.74 -0.21
CA THR D 15 15.01 -8.72 -0.22
C THR D 15 15.03 -9.51 -1.52
N ALA D 16 14.68 -10.79 -1.42
CA ALA D 16 14.66 -11.66 -2.59
C ALA D 16 13.67 -12.81 -2.41
N ILE D 17 13.24 -13.36 -3.54
CA ILE D 17 12.35 -14.51 -3.56
C ILE D 17 13.08 -15.72 -4.15
N THR D 18 13.02 -16.84 -3.45
CA THR D 18 13.65 -18.06 -3.97
C THR D 18 12.59 -18.94 -4.61
N LEU D 19 12.84 -19.33 -5.86
CA LEU D 19 11.87 -20.13 -6.60
C LEU D 19 12.47 -21.43 -7.11
N GLU D 20 11.69 -22.50 -7.06
CA GLU D 20 12.07 -23.76 -7.70
C GLU D 20 11.30 -23.89 -9.01
N VAL D 21 12.01 -23.96 -10.13
CA VAL D 21 11.38 -23.93 -11.43
C VAL D 21 11.97 -24.92 -12.44
N GLU D 22 11.38 -24.94 -13.62
CA GLU D 22 11.87 -25.73 -14.75
C GLU D 22 12.16 -24.79 -15.90
N PRO D 23 13.23 -25.06 -16.67
CA PRO D 23 13.57 -24.15 -17.78
C PRO D 23 12.43 -23.99 -18.77
N SER D 24 11.47 -24.91 -18.75
CA SER D 24 10.31 -24.84 -19.63
C SER D 24 9.16 -24.00 -19.04
N ASP D 25 9.32 -23.53 -17.81
CA ASP D 25 8.30 -22.67 -17.19
C ASP D 25 8.21 -21.34 -17.91
N THR D 26 6.98 -20.87 -18.12
CA THR D 26 6.81 -19.56 -18.75
C THR D 26 7.02 -18.46 -17.72
N ILE D 27 7.23 -17.25 -18.20
CA ILE D 27 7.38 -16.10 -17.33
C ILE D 27 6.12 -15.89 -16.51
N GLU D 28 4.96 -16.20 -17.11
CA GLU D 28 3.69 -16.10 -16.41
C GLU D 28 3.61 -17.10 -15.26
N ASN D 29 4.21 -18.28 -15.44
CA ASN D 29 4.26 -19.25 -14.35
C ASN D 29 5.12 -18.72 -13.22
N VAL D 30 6.25 -18.10 -13.58
CA VAL D 30 7.13 -17.48 -12.60
C VAL D 30 6.39 -16.41 -11.80
N LYS D 31 5.74 -15.50 -12.50
CA LYS D 31 4.93 -14.47 -11.85
C LYS D 31 3.84 -15.07 -10.97
N ALA D 32 3.26 -16.17 -11.41
CA ALA D 32 2.24 -16.86 -10.63
C ALA D 32 2.80 -17.38 -9.31
N LYS D 33 3.98 -18.01 -9.38
CA LYS D 33 4.66 -18.47 -8.18
C LYS D 33 4.97 -17.29 -7.25
N ILE D 34 5.44 -16.20 -7.84
CA ILE D 34 5.69 -14.97 -7.11
C ILE D 34 4.44 -14.51 -6.36
N GLN D 35 3.28 -14.58 -7.02
CA GLN D 35 2.03 -14.26 -6.36
C GLN D 35 1.76 -15.22 -5.20
N ASP D 36 2.02 -16.51 -5.43
CA ASP D 36 1.74 -17.53 -4.42
C ASP D 36 2.59 -17.33 -3.18
N LYS D 37 3.76 -16.72 -3.36
CA LYS D 37 4.69 -16.56 -2.26
C LYS D 37 4.66 -15.16 -1.64
N GLU D 38 4.10 -14.18 -2.35
CA GLU D 38 4.11 -12.80 -1.87
C GLU D 38 2.78 -12.06 -1.99
N GLY D 39 1.87 -12.58 -2.80
CA GLY D 39 0.55 -11.99 -2.92
C GLY D 39 0.52 -10.80 -3.86
N ILE D 40 1.53 -10.70 -4.72
CA ILE D 40 1.57 -9.66 -5.73
C ILE D 40 0.93 -10.20 -7.00
N PRO D 41 -0.17 -9.57 -7.45
CA PRO D 41 -0.84 -10.04 -8.66
C PRO D 41 0.07 -9.94 -9.88
N PRO D 42 0.09 -10.98 -10.72
CA PRO D 42 0.99 -11.07 -11.88
C PRO D 42 0.92 -9.84 -12.79
N ASP D 43 -0.24 -9.20 -12.88
CA ASP D 43 -0.41 -8.05 -13.77
C ASP D 43 0.27 -6.79 -13.25
N GLN D 44 0.84 -6.87 -12.05
CA GLN D 44 1.56 -5.75 -11.47
C GLN D 44 3.06 -6.03 -11.46
N GLN D 45 3.43 -7.22 -11.91
CA GLN D 45 4.82 -7.65 -11.88
C GLN D 45 5.53 -7.44 -13.22
N ILE D 46 6.72 -6.86 -13.14
CA ILE D 46 7.64 -6.86 -14.28
C ILE D 46 8.93 -7.53 -13.87
N LEU D 47 9.29 -8.58 -14.59
CA LEU D 47 10.55 -9.27 -14.35
C LEU D 47 11.59 -8.80 -15.35
N ILE D 48 12.82 -8.63 -14.87
CA ILE D 48 13.91 -8.17 -15.71
C ILE D 48 15.11 -9.10 -15.56
N PHE D 49 15.71 -9.48 -16.69
CA PHE D 49 16.93 -10.26 -16.67
C PHE D 49 17.89 -9.70 -17.71
N SER D 50 19.10 -9.37 -17.27
CA SER D 50 20.10 -8.73 -18.12
C SER D 50 19.56 -7.47 -18.79
N ARG D 51 18.92 -6.62 -18.00
CA ARG D 51 18.43 -5.30 -18.43
C ARG D 51 17.42 -5.41 -19.57
N LYS D 52 16.67 -6.50 -19.60
CA LYS D 52 15.62 -6.69 -20.60
C LYS D 52 14.32 -7.25 -19.99
N LEU D 53 13.21 -6.69 -20.44
CA LEU D 53 11.88 -7.13 -20.01
C LEU D 53 11.58 -8.57 -20.40
N LEU D 54 11.01 -9.33 -19.47
CA LEU D 54 10.63 -10.72 -19.71
C LEU D 54 9.14 -10.85 -20.07
N GLU D 55 8.86 -11.47 -21.22
CA GLU D 55 7.50 -11.55 -21.75
C GLU D 55 6.74 -12.74 -21.21
N ASP D 56 5.49 -12.52 -20.78
CA ASP D 56 4.68 -13.55 -20.12
C ASP D 56 4.59 -14.86 -20.90
N GLY D 57 4.54 -14.75 -22.23
CA GLY D 57 4.38 -15.91 -23.08
C GLY D 57 5.64 -16.75 -23.23
N ARG D 58 6.79 -16.11 -23.08
CA ARG D 58 8.07 -16.77 -23.27
C ARG D 58 8.42 -17.70 -22.12
N THR D 59 9.62 -18.28 -22.19
CA THR D 59 10.08 -19.25 -21.21
C THR D 59 11.43 -18.80 -20.64
N LEU D 60 11.83 -19.43 -19.55
CA LEU D 60 13.11 -19.13 -18.94
C LEU D 60 14.25 -19.44 -19.90
N SER D 61 14.10 -20.54 -20.64
CA SER D 61 15.09 -20.99 -21.61
C SER D 61 15.36 -19.97 -22.72
N ASP D 62 14.31 -19.32 -23.21
CA ASP D 62 14.44 -18.35 -24.29
C ASP D 62 15.28 -17.13 -23.89
N TYR D 63 15.31 -16.84 -22.59
CA TYR D 63 16.08 -15.72 -22.08
C TYR D 63 17.40 -16.23 -21.51
N ASN D 64 17.64 -17.52 -21.72
CA ASN D 64 18.81 -18.21 -21.22
C ASN D 64 18.99 -17.99 -19.73
N ILE D 65 17.94 -18.33 -18.98
CA ILE D 65 17.96 -18.26 -17.54
C ILE D 65 18.22 -19.65 -16.96
N HIS D 66 19.27 -19.76 -16.16
CA HIS D 66 19.63 -21.07 -15.65
C HIS D 66 19.70 -21.07 -14.13
N ARG D 67 20.29 -22.12 -13.58
CA ARG D 67 20.50 -22.28 -12.15
C ARG D 67 21.21 -21.07 -11.52
N GLU D 68 20.67 -20.61 -10.39
CA GLU D 68 21.21 -19.48 -9.62
C GLU D 68 21.23 -18.17 -10.41
N SER D 69 20.36 -18.06 -11.40
CA SER D 69 20.20 -16.79 -12.10
C SER D 69 19.34 -15.88 -11.23
N THR D 70 19.56 -14.58 -11.34
CA THR D 70 18.80 -13.64 -10.54
C THR D 70 17.94 -12.76 -11.42
N LEU D 71 16.63 -12.87 -11.24
CA LEU D 71 15.68 -12.00 -11.92
C LEU D 71 15.49 -10.77 -11.04
N ARG D 72 14.92 -9.71 -11.62
CA ARG D 72 14.61 -8.53 -10.84
C ARG D 72 13.12 -8.24 -10.92
N LEU D 73 12.48 -8.13 -9.77
CA LEU D 73 11.05 -7.81 -9.75
C LEU D 73 10.86 -6.32 -9.55
N VAL D 74 10.02 -5.74 -10.39
CA VAL D 74 9.68 -4.33 -10.28
C VAL D 74 8.17 -4.19 -10.44
N LEU D 75 7.58 -3.19 -9.78
CA LEU D 75 6.11 -3.09 -9.71
C LEU D 75 5.53 -1.95 -10.54
N ILE D 76 4.34 -2.18 -11.08
CA ILE D 76 3.59 -1.16 -11.81
C ILE D 76 2.16 -1.08 -11.27
N PHE D 77 1.41 -0.08 -11.73
CA PHE D 77 0.03 0.09 -11.29
C PHE D 77 -0.87 -1.00 -11.89
N ARG D 78 -1.88 -1.40 -11.13
CA ARG D 78 -2.82 -2.42 -11.58
C ARG D 78 -3.62 -1.94 -12.77
N MET E 3 -15.33 7.37 29.03
CA MET E 3 -15.91 6.08 28.69
C MET E 3 -14.83 5.27 27.96
N PRO E 4 -15.01 3.94 27.79
CA PRO E 4 -13.82 3.17 27.41
C PRO E 4 -13.26 3.42 26.03
N SER E 5 -12.01 3.02 25.84
CA SER E 5 -11.34 3.18 24.57
C SER E 5 -10.93 1.82 24.06
N ILE E 6 -10.79 1.71 22.75
CA ILE E 6 -10.26 0.52 22.13
C ILE E 6 -9.01 0.90 21.36
N LYS E 7 -8.36 -0.10 20.79
CA LYS E 7 -7.10 0.10 20.12
C LYS E 7 -7.20 -0.16 18.63
N LEU E 8 -6.59 0.72 17.84
CA LEU E 8 -6.51 0.52 16.40
C LEU E 8 -5.05 0.42 16.02
N GLN E 9 -4.71 -0.53 15.15
CA GLN E 9 -3.32 -0.61 14.71
C GLN E 9 -3.18 -0.30 13.24
N SER E 10 -2.49 0.79 12.95
CA SER E 10 -2.24 1.19 11.57
C SER E 10 -1.28 0.23 10.89
N SER E 11 -1.20 0.34 9.56
CA SER E 11 -0.36 -0.54 8.76
C SER E 11 1.12 -0.38 9.13
N ASP E 12 1.45 0.76 9.70
CA ASP E 12 2.82 1.02 10.15
C ASP E 12 3.14 0.34 11.47
N GLY E 13 2.11 -0.05 12.20
CA GLY E 13 2.30 -0.71 13.48
C GLY E 13 1.91 0.15 14.65
N GLU E 14 1.79 1.46 14.42
CA GLU E 14 1.37 2.37 15.47
C GLU E 14 -0.01 2.05 16.01
N ILE E 15 -0.16 2.16 17.33
CA ILE E 15 -1.42 1.89 17.99
C ILE E 15 -2.08 3.18 18.47
N PHE E 16 -3.35 3.36 18.13
CA PHE E 16 -4.11 4.54 18.53
C PHE E 16 -5.20 4.16 19.52
N GLU E 17 -5.30 4.97 20.58
CA GLU E 17 -6.35 4.82 21.58
C GLU E 17 -7.54 5.66 21.15
N VAL E 18 -8.70 5.04 21.00
CA VAL E 18 -9.86 5.79 20.54
C VAL E 18 -11.07 5.49 21.39
N ASP E 19 -11.78 6.53 21.83
CA ASP E 19 -13.07 6.35 22.47
C ASP E 19 -13.95 5.49 21.59
N VAL E 20 -14.57 4.48 22.19
CA VAL E 20 -15.33 3.50 21.44
C VAL E 20 -16.45 4.20 20.66
N GLU E 21 -17.04 5.24 21.25
CA GLU E 21 -18.09 6.01 20.58
C GLU E 21 -17.60 6.62 19.27
N ILE E 22 -16.42 7.23 19.31
CA ILE E 22 -15.83 7.86 18.14
C ILE E 22 -15.38 6.80 17.14
N ALA E 23 -14.79 5.71 17.66
CA ALA E 23 -14.30 4.63 16.82
C ALA E 23 -15.43 3.97 16.04
N LYS E 24 -16.62 3.95 16.62
CA LYS E 24 -17.75 3.23 16.03
C LYS E 24 -18.42 4.00 14.88
N GLN E 25 -17.92 5.19 14.59
CA GLN E 25 -18.37 5.91 13.40
C GLN E 25 -17.95 5.19 12.12
N SER E 26 -16.93 4.35 12.23
CA SER E 26 -16.56 3.44 11.15
C SER E 26 -17.33 2.12 11.30
N VAL E 27 -18.21 1.82 10.35
CA VAL E 27 -18.98 0.58 10.44
C VAL E 27 -18.06 -0.62 10.29
N THR E 28 -16.97 -0.46 9.52
CA THR E 28 -15.98 -1.53 9.40
C THR E 28 -15.39 -1.85 10.77
N ILE E 29 -14.90 -0.81 11.45
CA ILE E 29 -14.36 -0.95 12.79
C ILE E 29 -15.45 -1.38 13.78
N LYS E 30 -16.66 -0.86 13.59
CA LYS E 30 -17.81 -1.24 14.41
C LYS E 30 -18.03 -2.74 14.36
N THR E 31 -17.90 -3.29 13.15
CA THR E 31 -18.14 -4.70 12.90
C THR E 31 -16.99 -5.57 13.40
N MET E 32 -15.77 -5.07 13.25
CA MET E 32 -14.60 -5.82 13.72
C MET E 32 -14.57 -5.85 15.26
N LEU E 33 -15.09 -4.79 15.88
CA LEU E 33 -15.21 -4.72 17.32
C LEU E 33 -16.32 -5.62 17.83
N GLU E 34 -17.54 -5.39 17.33
CA GLU E 34 -18.72 -6.06 17.83
C GLU E 34 -18.84 -7.53 17.43
N ASP E 35 -18.59 -7.82 16.15
CA ASP E 35 -18.87 -9.16 15.63
C ASP E 35 -17.67 -10.08 15.63
N LEU E 36 -16.47 -9.52 15.49
CA LEU E 36 -15.27 -10.35 15.46
C LEU E 36 -14.53 -10.33 16.79
N GLY E 37 -14.92 -9.44 17.69
CA GLY E 37 -14.28 -9.33 18.98
C GLY E 37 -12.80 -9.03 18.88
N MET E 38 -12.44 -8.06 18.05
CA MET E 38 -11.04 -7.71 17.84
C MET E 38 -10.57 -6.49 18.60
N ASP E 39 -9.51 -6.67 19.38
CA ASP E 39 -8.85 -5.58 20.07
C ASP E 39 -7.41 -6.00 20.38
N PRO E 40 -6.43 -5.38 19.69
CA PRO E 40 -6.52 -4.26 18.76
C PRO E 40 -7.17 -4.60 17.42
N VAL E 41 -7.81 -3.61 16.79
CA VAL E 41 -8.37 -3.78 15.46
C VAL E 41 -7.27 -3.52 14.41
N PRO E 42 -6.90 -4.56 13.65
CA PRO E 42 -5.93 -4.40 12.57
C PRO E 42 -6.47 -3.57 11.42
N LEU E 43 -5.67 -2.60 10.98
CA LEU E 43 -6.01 -1.79 9.82
C LEU E 43 -4.83 -1.80 8.85
N PRO E 44 -4.56 -2.96 8.23
CA PRO E 44 -3.38 -3.18 7.39
C PRO E 44 -3.31 -2.27 6.16
N ASN E 45 -4.38 -1.55 5.84
CA ASN E 45 -4.38 -0.71 4.65
C ASN E 45 -4.58 0.78 4.97
N VAL E 46 -4.42 1.14 6.24
CA VAL E 46 -4.43 2.54 6.65
C VAL E 46 -3.16 2.85 7.44
N ASN E 47 -2.34 3.79 6.96
CA ASN E 47 -1.11 4.10 7.69
C ASN E 47 -1.39 5.09 8.82
N ALA E 48 -0.39 5.30 9.67
CA ALA E 48 -0.58 6.06 10.91
C ALA E 48 -1.04 7.50 10.68
N ALA E 49 -0.47 8.17 9.69
CA ALA E 49 -0.80 9.57 9.43
C ALA E 49 -2.27 9.73 9.07
N ILE E 50 -2.70 8.94 8.09
CA ILE E 50 -4.08 8.94 7.64
C ILE E 50 -5.03 8.57 8.77
N LEU E 51 -4.66 7.56 9.55
CA LEU E 51 -5.51 7.13 10.66
C LEU E 51 -5.66 8.24 11.69
N LYS E 52 -4.57 8.96 11.97
CA LYS E 52 -4.62 10.11 12.86
C LYS E 52 -5.59 11.17 12.32
N LYS E 53 -5.48 11.43 11.02
CA LYS E 53 -6.36 12.40 10.36
C LYS E 53 -7.83 12.01 10.52
N VAL E 54 -8.11 10.75 10.21
CA VAL E 54 -9.45 10.18 10.32
C VAL E 54 -10.00 10.33 11.74
N ILE E 55 -9.15 10.02 12.71
CA ILE E 55 -9.51 10.14 14.12
C ILE E 55 -9.86 11.58 14.47
N GLN E 56 -9.11 12.53 13.91
CA GLN E 56 -9.40 13.94 14.17
C GLN E 56 -10.74 14.36 13.57
N TRP E 57 -11.03 13.86 12.37
CA TRP E 57 -12.32 14.14 11.74
C TRP E 57 -13.48 13.59 12.55
N CYS E 58 -13.42 12.30 12.87
CA CYS E 58 -14.47 11.65 13.64
C CYS E 58 -14.66 12.30 15.01
N THR E 59 -13.55 12.66 15.65
CA THR E 59 -13.61 13.31 16.96
C THR E 59 -14.30 14.67 16.86
N HIS E 60 -14.00 15.41 15.79
CA HIS E 60 -14.63 16.71 15.59
C HIS E 60 -16.13 16.55 15.34
N HIS E 61 -16.52 15.42 14.76
CA HIS E 61 -17.91 15.15 14.45
C HIS E 61 -18.54 14.17 15.43
N LYS E 62 -17.97 14.05 16.64
CA LYS E 62 -18.43 13.04 17.59
C LYS E 62 -19.91 13.19 17.96
N ASP E 63 -20.36 14.41 18.26
CA ASP E 63 -21.77 14.66 18.56
C ASP E 63 -22.46 15.69 17.65
N ASP E 64 -22.58 15.37 16.36
CA ASP E 64 -23.28 16.27 15.44
C ASP E 64 -24.52 15.58 14.88
N ASP E 71 -24.84 18.05 0.91
CA ASP E 71 -25.03 19.45 1.28
C ASP E 71 -23.72 20.24 1.16
N ASP E 72 -23.74 21.47 1.68
CA ASP E 72 -22.56 22.33 1.72
C ASP E 72 -21.50 21.82 2.70
N ILE E 73 -20.24 22.04 2.36
CA ILE E 73 -19.13 21.59 3.20
C ILE E 73 -18.83 22.61 4.31
N PRO E 74 -18.89 22.17 5.57
CA PRO E 74 -18.57 23.00 6.73
C PRO E 74 -17.19 23.63 6.60
N VAL E 75 -17.03 24.86 7.07
CA VAL E 75 -15.78 25.60 6.94
C VAL E 75 -14.62 24.84 7.61
N TRP E 76 -14.89 24.23 8.76
CA TRP E 76 -13.89 23.43 9.43
C TRP E 76 -13.43 22.27 8.57
N ASP E 77 -14.37 21.52 7.98
CA ASP E 77 -14.01 20.44 7.07
C ASP E 77 -13.20 20.98 5.90
N GLN E 78 -13.55 22.18 5.42
CA GLN E 78 -12.81 22.80 4.32
C GLN E 78 -11.34 23.03 4.69
N GLU E 79 -11.08 23.56 5.88
CA GLU E 79 -9.69 23.77 6.30
C GLU E 79 -8.97 22.46 6.61
N PHE E 80 -9.70 21.54 7.22
CA PHE E 80 -9.19 20.21 7.55
C PHE E 80 -8.73 19.47 6.30
N LEU E 81 -9.39 19.76 5.17
CA LEU E 81 -9.08 19.08 3.93
C LEU E 81 -8.18 19.92 3.03
N LYS E 82 -7.67 21.04 3.57
CA LYS E 82 -6.69 21.82 2.84
C LYS E 82 -5.35 21.11 2.97
N VAL E 83 -5.28 19.94 2.34
CA VAL E 83 -4.09 19.11 2.41
C VAL E 83 -3.64 18.79 1.00
N ASP E 84 -2.45 18.24 0.90
CA ASP E 84 -1.92 17.81 -0.39
C ASP E 84 -2.76 16.66 -0.98
N GLN E 85 -2.64 16.47 -2.30
CA GLN E 85 -3.47 15.51 -3.03
C GLN E 85 -3.27 14.05 -2.59
N GLY E 86 -2.05 13.71 -2.16
CA GLY E 86 -1.79 12.36 -1.68
C GLY E 86 -2.61 12.05 -0.45
N THR E 87 -2.57 12.97 0.51
CA THR E 87 -3.34 12.86 1.74
C THR E 87 -4.84 12.75 1.46
N LEU E 88 -5.34 13.56 0.53
CA LEU E 88 -6.76 13.52 0.18
C LEU E 88 -7.14 12.19 -0.46
N PHE E 89 -6.30 11.74 -1.39
CA PHE E 89 -6.46 10.44 -2.05
C PHE E 89 -6.59 9.32 -1.02
N GLU E 90 -5.63 9.27 -0.11
CA GLU E 90 -5.60 8.22 0.90
C GLU E 90 -6.75 8.38 1.90
N LEU E 91 -7.18 9.62 2.10
CA LEU E 91 -8.31 9.89 3.00
C LEU E 91 -9.59 9.34 2.40
N ILE E 92 -9.74 9.50 1.09
CA ILE E 92 -10.86 8.91 0.37
C ILE E 92 -10.82 7.40 0.48
N LEU E 93 -9.67 6.82 0.18
CA LEU E 93 -9.49 5.37 0.24
C LEU E 93 -9.86 4.81 1.63
N ALA E 94 -9.33 5.46 2.66
CA ALA E 94 -9.56 5.05 4.04
C ALA E 94 -11.01 5.20 4.46
N ALA E 95 -11.61 6.34 4.09
CA ALA E 95 -12.99 6.62 4.43
C ALA E 95 -13.90 5.58 3.79
N ASN E 96 -13.53 5.14 2.59
CA ASN E 96 -14.30 4.08 1.94
C ASN E 96 -14.11 2.73 2.63
N TYR E 97 -12.86 2.31 2.83
CA TYR E 97 -12.65 1.01 3.47
C TYR E 97 -13.21 0.96 4.89
N LEU E 98 -13.02 2.04 5.64
CA LEU E 98 -13.50 2.09 7.02
C LEU E 98 -15.01 2.33 7.05
N ASP E 99 -15.57 2.68 5.89
CA ASP E 99 -16.98 3.00 5.77
C ASP E 99 -17.38 4.10 6.75
N ILE E 100 -16.86 5.30 6.50
CA ILE E 100 -17.22 6.49 7.25
C ILE E 100 -17.85 7.50 6.30
N LYS E 101 -19.18 7.43 6.18
CA LYS E 101 -19.92 8.12 5.11
C LYS E 101 -19.65 9.63 5.00
N GLY E 102 -19.69 10.34 6.13
CA GLY E 102 -19.51 11.78 6.12
C GLY E 102 -18.17 12.23 5.56
N LEU E 103 -17.10 11.58 6.02
CA LEU E 103 -15.74 11.91 5.59
C LEU E 103 -15.56 11.63 4.11
N LEU E 104 -16.14 10.51 3.66
CA LEU E 104 -16.08 10.11 2.27
C LEU E 104 -16.76 11.18 1.40
N ASP E 105 -17.93 11.60 1.85
CA ASP E 105 -18.70 12.62 1.14
C ASP E 105 -17.92 13.93 1.04
N VAL E 106 -17.42 14.45 2.15
CA VAL E 106 -16.76 15.76 2.12
C VAL E 106 -15.45 15.70 1.33
N THR E 107 -14.72 14.60 1.40
CA THR E 107 -13.46 14.50 0.67
C THR E 107 -13.68 14.38 -0.85
N CYS E 108 -14.62 13.51 -1.23
CA CYS E 108 -14.95 13.35 -2.64
C CYS E 108 -15.52 14.64 -3.24
N LYS E 109 -16.34 15.33 -2.46
CA LYS E 109 -16.91 16.59 -2.93
C LYS E 109 -15.82 17.67 -2.99
N THR E 110 -14.81 17.55 -2.13
CA THR E 110 -13.67 18.46 -2.18
C THR E 110 -12.92 18.30 -3.51
N VAL E 111 -12.63 17.06 -3.89
CA VAL E 111 -11.98 16.80 -5.17
C VAL E 111 -12.86 17.32 -6.33
N ALA E 112 -14.15 17.04 -6.23
CA ALA E 112 -15.12 17.54 -7.19
C ALA E 112 -15.03 19.06 -7.30
N ASN E 113 -14.86 19.72 -6.17
CA ASN E 113 -14.73 21.17 -6.13
C ASN E 113 -13.43 21.61 -6.77
N MET E 114 -12.44 20.73 -6.79
CA MET E 114 -11.22 21.00 -7.53
C MET E 114 -11.47 20.85 -9.02
N ILE E 115 -12.52 20.12 -9.39
CA ILE E 115 -12.86 20.00 -10.81
C ILE E 115 -13.65 21.18 -11.39
N LYS E 116 -14.66 21.64 -10.66
CA LYS E 116 -15.60 22.66 -11.16
C LYS E 116 -15.00 23.98 -11.62
N GLY E 117 -15.68 24.61 -12.56
CA GLY E 117 -15.34 25.96 -13.01
C GLY E 117 -13.98 26.07 -13.66
N LYS E 118 -13.55 24.99 -14.30
CA LYS E 118 -12.25 24.99 -14.97
C LYS E 118 -12.38 24.56 -16.43
N THR E 119 -11.43 25.01 -17.24
CA THR E 119 -11.32 24.56 -18.63
C THR E 119 -10.58 23.23 -18.62
N PRO E 120 -10.81 22.37 -19.63
CA PRO E 120 -10.19 21.04 -19.68
C PRO E 120 -8.68 21.06 -19.41
N GLU E 121 -7.98 22.01 -20.02
CA GLU E 121 -6.55 22.11 -19.85
C GLU E 121 -6.18 22.50 -18.43
N GLU E 122 -7.01 23.34 -17.81
CA GLU E 122 -6.80 23.72 -16.42
C GLU E 122 -7.02 22.54 -15.49
N ILE E 123 -8.00 21.70 -15.81
CA ILE E 123 -8.23 20.47 -15.06
C ILE E 123 -7.00 19.56 -15.19
N ARG E 124 -6.44 19.53 -16.40
CA ARG E 124 -5.21 18.78 -16.63
C ARG E 124 -4.07 19.33 -15.78
N LYS E 125 -4.02 20.65 -15.64
CA LYS E 125 -2.98 21.27 -14.83
C LYS E 125 -3.17 20.90 -13.36
N THR E 126 -4.42 20.84 -12.93
CA THR E 126 -4.74 20.53 -11.54
C THR E 126 -4.36 19.09 -11.19
N PHE E 127 -4.72 18.14 -12.05
CA PHE E 127 -4.51 16.73 -11.74
C PHE E 127 -3.37 16.08 -12.51
N ASN E 128 -2.54 16.90 -13.15
CA ASN E 128 -1.47 16.41 -14.02
C ASN E 128 -1.97 15.31 -14.95
N ILE E 129 -3.01 15.64 -15.73
CA ILE E 129 -3.59 14.69 -16.64
C ILE E 129 -2.83 14.69 -17.96
N LYS E 130 -2.43 13.51 -18.42
CA LYS E 130 -1.79 13.41 -19.72
C LYS E 130 -2.85 13.40 -20.80
N ASN E 131 -2.65 14.23 -21.81
CA ASN E 131 -3.57 14.28 -22.93
C ASN E 131 -3.27 13.18 -23.93
N ASP E 132 -4.22 12.26 -24.11
CA ASP E 132 -4.07 11.23 -25.14
C ASP E 132 -5.17 11.46 -26.18
N PHE E 133 -5.72 12.66 -26.16
CA PHE E 133 -6.68 13.10 -27.17
C PHE E 133 -6.00 13.97 -28.23
N THR E 134 -6.49 13.85 -29.46
CA THR E 134 -6.15 14.80 -30.51
C THR E 134 -7.25 15.86 -30.50
N GLU E 135 -6.99 17.00 -31.13
CA GLU E 135 -7.93 18.11 -31.16
C GLU E 135 -9.31 17.73 -31.73
N GLU E 136 -9.30 17.05 -32.87
CA GLU E 136 -10.54 16.62 -33.51
C GLU E 136 -11.26 15.54 -32.70
N GLU E 137 -10.50 14.65 -32.05
CA GLU E 137 -11.12 13.64 -31.18
C GLU E 137 -11.80 14.31 -30.00
N GLU E 138 -11.21 15.39 -29.51
CA GLU E 138 -11.79 16.16 -28.42
C GLU E 138 -13.08 16.80 -28.89
N ALA E 139 -13.02 17.43 -30.06
CA ALA E 139 -14.20 18.02 -30.69
C ALA E 139 -15.33 17.01 -30.87
N GLN E 140 -14.97 15.79 -31.24
CA GLN E 140 -15.94 14.73 -31.49
C GLN E 140 -16.55 14.27 -30.15
N VAL E 141 -15.69 14.24 -29.14
CA VAL E 141 -16.07 13.80 -27.80
C VAL E 141 -17.06 14.78 -27.20
N ARG E 142 -16.89 16.05 -27.54
CA ARG E 142 -17.87 17.07 -27.17
C ARG E 142 -19.27 16.63 -27.56
N LYS E 143 -19.40 16.18 -28.81
CA LYS E 143 -20.68 15.71 -29.33
C LYS E 143 -21.16 14.43 -28.66
N GLU E 144 -20.24 13.50 -28.43
CA GLU E 144 -20.61 12.27 -27.75
C GLU E 144 -21.26 12.54 -26.40
N ASN E 145 -20.65 13.43 -25.63
CA ASN E 145 -21.21 13.82 -24.34
C ASN E 145 -22.49 14.65 -24.51
N GLN E 146 -22.57 15.39 -25.61
CA GLN E 146 -23.72 16.27 -25.84
C GLN E 146 -25.08 15.55 -25.86
N TRP E 147 -25.17 14.37 -26.49
CA TRP E 147 -26.46 13.70 -26.62
C TRP E 147 -26.80 12.82 -25.41
N CYS E 148 -25.80 12.48 -24.59
CA CYS E 148 -25.99 11.57 -23.46
C CYS E 148 -26.97 12.08 -22.40
N GLN F 15 2.22 2.82 -21.67
CA GLN F 15 2.28 4.12 -22.31
C GLN F 15 1.21 5.06 -21.75
N PHE F 16 0.15 4.47 -21.21
CA PHE F 16 -0.95 5.22 -20.62
C PHE F 16 -0.60 5.65 -19.20
N GLN F 17 -0.61 6.96 -18.98
CA GLN F 17 -0.30 7.55 -17.67
C GLN F 17 -1.51 7.63 -16.75
N ARG F 18 -1.27 7.54 -15.45
CA ARG F 18 -2.37 7.52 -14.52
C ARG F 18 -2.47 8.84 -13.79
N ASP F 19 -3.62 9.04 -13.16
CA ASP F 19 -3.89 10.25 -12.41
C ASP F 19 -4.73 9.95 -11.17
N PHE F 20 -4.89 10.96 -10.32
CA PHE F 20 -5.71 10.89 -9.12
C PHE F 20 -6.99 10.09 -9.34
N ILE F 21 -7.77 10.49 -10.34
CA ILE F 21 -9.06 9.89 -10.60
C ILE F 21 -8.93 8.47 -11.13
N SER F 22 -8.00 8.24 -12.06
CA SER F 22 -7.83 6.91 -12.64
C SER F 22 -7.18 5.91 -11.68
N LEU F 23 -6.64 6.41 -10.56
CA LEU F 23 -6.04 5.53 -9.57
C LEU F 23 -7.05 5.10 -8.51
N LEU F 24 -8.13 5.85 -8.39
CA LEU F 24 -9.21 5.50 -7.48
C LEU F 24 -9.92 4.23 -7.95
N PRO F 25 -10.57 3.51 -7.00
CA PRO F 25 -11.54 2.50 -7.41
C PRO F 25 -12.62 3.14 -8.29
N LYS F 26 -13.11 2.41 -9.29
CA LYS F 26 -14.07 2.96 -10.26
C LYS F 26 -15.21 3.72 -9.59
N GLU F 27 -15.85 3.05 -8.65
CA GLU F 27 -17.00 3.59 -7.92
C GLU F 27 -16.71 4.93 -7.23
N LEU F 28 -15.50 5.08 -6.70
CA LEU F 28 -15.14 6.29 -5.97
C LEU F 28 -14.87 7.46 -6.90
N ALA F 29 -14.27 7.17 -8.05
CA ALA F 29 -14.04 8.18 -9.08
C ALA F 29 -15.39 8.67 -9.62
N LEU F 30 -16.26 7.71 -9.93
CA LEU F 30 -17.61 8.02 -10.37
C LEU F 30 -18.34 8.85 -9.32
N TYR F 31 -18.16 8.48 -8.05
CA TYR F 31 -18.77 9.22 -6.96
C TYR F 31 -18.29 10.66 -6.91
N VAL F 32 -16.98 10.85 -7.12
CA VAL F 32 -16.43 12.20 -7.18
C VAL F 32 -17.11 12.99 -8.28
N LEU F 33 -17.17 12.40 -9.48
CA LEU F 33 -17.75 13.10 -10.62
C LEU F 33 -19.25 13.35 -10.48
N SER F 34 -19.93 12.54 -9.66
CA SER F 34 -21.38 12.67 -9.49
C SER F 34 -21.77 13.97 -8.80
N PHE F 35 -20.80 14.65 -8.22
CA PHE F 35 -21.03 15.93 -7.56
C PHE F 35 -20.99 17.06 -8.59
N LEU F 36 -20.71 16.70 -9.84
CA LEU F 36 -20.58 17.67 -10.92
C LEU F 36 -21.89 17.82 -11.67
N GLU F 37 -22.26 19.05 -12.01
CA GLU F 37 -23.38 19.28 -12.90
C GLU F 37 -22.93 18.97 -14.33
N PRO F 38 -23.88 18.68 -15.24
CA PRO F 38 -23.59 18.29 -16.62
C PRO F 38 -22.49 19.07 -17.36
N LYS F 39 -22.49 20.39 -17.26
CA LYS F 39 -21.49 21.21 -17.97
C LYS F 39 -20.06 20.94 -17.49
N ASP F 40 -19.85 20.89 -16.18
CA ASP F 40 -18.53 20.57 -15.63
C ASP F 40 -18.11 19.17 -16.07
N LEU F 41 -19.08 18.25 -16.10
CA LEU F 41 -18.84 16.89 -16.57
C LEU F 41 -18.34 16.90 -18.00
N LEU F 42 -18.98 17.71 -18.84
CA LEU F 42 -18.59 17.84 -20.23
C LEU F 42 -17.17 18.36 -20.35
N GLN F 43 -16.82 19.33 -19.52
CA GLN F 43 -15.47 19.85 -19.53
C GLN F 43 -14.47 18.78 -19.08
N ALA F 44 -14.87 17.95 -18.14
CA ALA F 44 -14.02 16.91 -17.58
C ALA F 44 -13.78 15.74 -18.54
N ALA F 45 -14.78 15.44 -19.37
CA ALA F 45 -14.71 14.30 -20.28
C ALA F 45 -13.73 14.50 -21.43
N GLN F 46 -13.24 15.72 -21.59
CA GLN F 46 -12.35 16.05 -22.69
C GLN F 46 -10.89 16.03 -22.29
N THR F 47 -10.63 15.82 -21.00
CA THR F 47 -9.27 15.87 -20.48
C THR F 47 -8.47 14.68 -21.00
N CYS F 48 -9.08 13.50 -20.96
CA CYS F 48 -8.48 12.28 -21.50
C CYS F 48 -9.54 11.21 -21.68
N ARG F 49 -9.13 10.08 -22.27
CA ARG F 49 -10.05 9.00 -22.60
C ARG F 49 -10.76 8.39 -21.40
N TYR F 50 -9.99 8.10 -20.37
CA TYR F 50 -10.50 7.43 -19.19
C TYR F 50 -11.52 8.31 -18.47
N TRP F 51 -11.13 9.57 -18.27
CA TRP F 51 -12.02 10.56 -17.71
C TRP F 51 -13.29 10.67 -18.54
N ARG F 52 -13.13 10.55 -19.86
CA ARG F 52 -14.29 10.56 -20.75
C ARG F 52 -15.23 9.41 -20.45
N ILE F 53 -14.69 8.20 -20.30
CA ILE F 53 -15.52 7.04 -20.01
C ILE F 53 -16.29 7.23 -18.70
N LEU F 54 -15.61 7.70 -17.66
CA LEU F 54 -16.28 7.88 -16.37
C LEU F 54 -17.35 8.99 -16.43
N ALA F 55 -16.99 10.11 -17.05
CA ALA F 55 -17.91 11.23 -17.19
C ALA F 55 -19.14 10.84 -18.00
N GLU F 56 -18.93 10.15 -19.12
CA GLU F 56 -20.04 9.69 -19.95
C GLU F 56 -20.87 8.69 -19.20
N ASP F 57 -20.23 7.92 -18.32
CA ASP F 57 -21.00 7.02 -17.48
C ASP F 57 -21.93 7.82 -16.58
N ASN F 58 -21.46 8.95 -16.06
CA ASN F 58 -22.34 9.79 -15.27
C ASN F 58 -23.40 10.52 -16.10
N LEU F 59 -23.08 10.84 -17.34
CA LEU F 59 -24.06 11.46 -18.24
C LEU F 59 -25.17 10.46 -18.55
N LEU F 60 -24.77 9.24 -18.87
CA LEU F 60 -25.67 8.09 -18.87
C LEU F 60 -26.13 7.83 -17.44
N TRP F 61 -27.13 6.97 -17.30
CA TRP F 61 -27.69 6.65 -15.99
C TRP F 61 -28.25 7.87 -15.26
N ARG F 62 -28.68 8.88 -16.02
CA ARG F 62 -29.26 10.09 -15.46
C ARG F 62 -30.15 10.80 -16.49
#